data_5CXS
#
_entry.id   5CXS
#
_cell.length_a   97.847
_cell.length_b   97.847
_cell.length_c   97.847
_cell.angle_alpha   90.000
_cell.angle_beta   90.000
_cell.angle_gamma   90.000
#
_symmetry.space_group_name_H-M   'P 21 3'
#
loop_
_entity.id
_entity.type
_entity.pdbx_description
1 polymer 'Purine nucleoside phosphorylase'
2 non-polymer '2-(N-MORPHOLINO)-ETHANESULFONIC ACID'
3 water water
#
_entity_poly.entity_id   1
_entity_poly.type   'polypeptide(L)'
_entity_poly.pdbx_seq_one_letter_code
;MTTPVVANYENASMAADYIKRVSNVLPDIGIICGSGLGKLIEEIEERKVIPYINIPNFPKTTVAGHVGNLVLGSVGGRKI
VAMQGRLHMYEGYSNQEIALPIRVMKLLGVRVLLITNLAGGINRKLKSGDFVLIKGHINFPGLGLNNVLVGPNQDEFGPR
FPDLSNAYDRLLQQLALKIAQENDFQDLVHEGVYAFNGGPTYESPDESNMLLKLGCDVVGMSTVPEVIIACHCGIKVLAV
SLIANNSILDAENDVSINHEKVLAVAEKRADLLQMWFKEIITRLPLD
;
_entity_poly.pdbx_strand_id   A
#
loop_
_chem_comp.id
_chem_comp.type
_chem_comp.name
_chem_comp.formula
MES non-polymer '2-(N-MORPHOLINO)-ETHANESULFONIC ACID' 'C6 H13 N O4 S'
#
# COMPACT_ATOMS: atom_id res chain seq x y z
N VAL A 5 8.59 -19.81 -7.37
CA VAL A 5 9.04 -18.89 -8.45
C VAL A 5 9.83 -17.65 -7.91
N VAL A 6 11.08 -17.42 -8.34
CA VAL A 6 11.84 -16.26 -7.86
C VAL A 6 11.30 -14.96 -8.54
N ALA A 7 11.35 -13.83 -7.86
CA ALA A 7 10.91 -12.53 -8.46
C ALA A 7 12.07 -11.95 -9.25
N ASN A 8 12.51 -12.68 -10.27
CA ASN A 8 13.67 -12.28 -11.05
C ASN A 8 13.24 -11.63 -12.37
N TYR A 9 14.23 -11.20 -13.12
CA TYR A 9 13.98 -10.42 -14.34
C TYR A 9 13.21 -11.21 -15.43
N GLU A 10 13.64 -12.45 -15.72
CA GLU A 10 12.97 -13.27 -16.73
C GLU A 10 11.51 -13.50 -16.31
N ASN A 11 11.31 -13.82 -15.02
CA ASN A 11 9.95 -14.19 -14.58
C ASN A 11 9.02 -12.98 -14.53
N ALA A 12 9.51 -11.83 -14.06
CA ALA A 12 8.69 -10.61 -14.09
C ALA A 12 8.46 -10.18 -15.55
N SER A 13 9.44 -10.42 -16.43
CA SER A 13 9.31 -10.00 -17.81
C SER A 13 8.20 -10.80 -18.51
N MET A 14 8.12 -12.11 -18.18
CA MET A 14 7.12 -12.95 -18.82
C MET A 14 5.71 -12.54 -18.36
N ALA A 15 5.59 -12.22 -17.06
CA ALA A 15 4.30 -11.71 -16.56
C ALA A 15 3.93 -10.39 -17.24
N ALA A 16 4.89 -9.45 -17.34
CA ALA A 16 4.59 -8.14 -17.94
C ALA A 16 4.21 -8.30 -19.40
N ASP A 17 4.87 -9.20 -20.09
CA ASP A 17 4.59 -9.33 -21.51
C ASP A 17 3.15 -9.83 -21.69
N TYR A 18 2.76 -10.82 -20.89
CA TYR A 18 1.38 -11.32 -20.94
C TYR A 18 0.37 -10.20 -20.64
N ILE A 19 0.63 -9.45 -19.58
CA ILE A 19 -0.29 -8.36 -19.22
C ILE A 19 -0.44 -7.31 -20.34
N LYS A 20 0.67 -6.92 -20.96
CA LYS A 20 0.62 -5.91 -22.03
C LYS A 20 -0.20 -6.39 -23.21
N ARG A 21 0.02 -7.66 -23.57
CA ARG A 21 -0.65 -8.25 -24.73
C ARG A 21 -2.16 -8.32 -24.55
N VAL A 22 -2.57 -8.66 -23.34
CA VAL A 22 -3.98 -8.90 -23.05
C VAL A 22 -4.77 -7.60 -22.79
N SER A 23 -4.10 -6.62 -22.18
CA SER A 23 -4.76 -5.37 -21.80
C SER A 23 -4.69 -4.23 -22.78
N ASN A 24 -3.58 -4.18 -23.52
CA ASN A 24 -3.26 -3.07 -24.41
C ASN A 24 -3.19 -1.72 -23.67
N VAL A 25 -2.83 -1.77 -22.39
CA VAL A 25 -2.70 -0.57 -21.58
C VAL A 25 -1.25 -0.47 -21.17
N LEU A 26 -0.64 0.70 -21.32
CA LEU A 26 0.68 0.94 -20.69
C LEU A 26 0.55 1.96 -19.53
N PRO A 27 0.52 1.46 -18.28
CA PRO A 27 0.21 2.34 -17.15
C PRO A 27 1.41 3.11 -16.62
N ASP A 28 1.13 4.28 -16.09
CA ASP A 28 2.12 5.15 -15.47
C ASP A 28 2.04 5.13 -13.95
N ILE A 29 0.90 4.67 -13.46
CA ILE A 29 0.53 4.77 -12.04
C ILE A 29 -0.01 3.43 -11.55
N GLY A 30 0.39 3.03 -10.34
CA GLY A 30 -0.07 1.78 -9.76
C GLY A 30 -0.87 2.11 -8.50
N ILE A 31 -1.80 1.23 -8.16
CA ILE A 31 -2.67 1.50 -7.00
C ILE A 31 -2.82 0.23 -6.22
N ILE A 32 -2.55 0.31 -4.90
CA ILE A 32 -2.86 -0.86 -4.04
C ILE A 32 -3.75 -0.35 -2.90
N CYS A 33 -4.95 -0.91 -2.76
CA CYS A 33 -5.97 -0.40 -1.83
C CYS A 33 -6.07 -1.24 -0.57
N GLY A 34 -6.29 -0.58 0.57
CA GLY A 34 -6.57 -1.31 1.78
C GLY A 34 -7.95 -1.97 1.83
N SER A 35 -8.16 -2.84 2.82
CA SER A 35 -9.43 -3.55 2.96
C SER A 35 -10.62 -2.62 3.06
N GLY A 36 -11.61 -2.80 2.20
CA GLY A 36 -12.80 -1.96 2.20
C GLY A 36 -12.60 -0.61 1.53
N LEU A 37 -11.40 -0.36 1.02
CA LEU A 37 -11.06 0.89 0.35
C LEU A 37 -10.90 0.74 -1.16
N GLY A 38 -11.61 -0.23 -1.74
CA GLY A 38 -11.36 -0.53 -3.12
C GLY A 38 -12.23 0.18 -4.14
N LYS A 39 -13.03 1.16 -3.72
CA LYS A 39 -13.97 1.84 -4.61
C LYS A 39 -13.33 2.44 -5.87
N LEU A 40 -12.14 3.00 -5.74
CA LEU A 40 -11.45 3.62 -6.89
C LEU A 40 -11.37 2.62 -8.02
N ILE A 41 -11.02 1.39 -7.69
CA ILE A 41 -10.84 0.32 -8.69
C ILE A 41 -12.12 0.09 -9.47
N GLU A 42 -13.26 0.38 -8.85
CA GLU A 42 -14.57 0.31 -9.53
C GLU A 42 -14.88 1.51 -10.45
N GLU A 43 -14.16 2.60 -10.30
CA GLU A 43 -14.34 3.77 -11.17
C GLU A 43 -13.36 3.79 -12.35
N ILE A 44 -12.61 2.71 -12.55
CA ILE A 44 -11.63 2.66 -13.65
C ILE A 44 -12.38 2.48 -14.99
N GLU A 45 -12.07 3.36 -15.93
CA GLU A 45 -12.71 3.41 -17.23
C GLU A 45 -11.99 2.55 -18.27
N GLU A 46 -12.75 2.06 -19.25
CA GLU A 46 -12.26 1.11 -20.25
C GLU A 46 -11.44 0.00 -19.58
N ARG A 47 -11.99 -0.58 -18.52
CA ARG A 47 -11.19 -1.45 -17.67
C ARG A 47 -10.89 -2.76 -18.37
N LYS A 48 -9.71 -3.32 -18.07
CA LYS A 48 -9.36 -4.65 -18.46
CA LYS A 48 -9.39 -4.68 -18.44
C LYS A 48 -9.10 -5.44 -17.18
N VAL A 49 -9.78 -6.56 -16.97
CA VAL A 49 -9.59 -7.30 -15.73
C VAL A 49 -8.81 -8.58 -16.00
N ILE A 50 -7.68 -8.74 -15.34
CA ILE A 50 -6.83 -9.92 -15.54
C ILE A 50 -6.65 -10.71 -14.23
N PRO A 51 -7.29 -11.89 -14.15
CA PRO A 51 -7.13 -12.70 -12.92
C PRO A 51 -5.68 -13.05 -12.67
N TYR A 52 -5.25 -12.89 -11.42
CA TYR A 52 -3.86 -13.30 -11.06
C TYR A 52 -3.59 -14.72 -11.54
N ILE A 53 -4.58 -15.60 -11.42
CA ILE A 53 -4.32 -17.00 -11.76
C ILE A 53 -3.95 -17.21 -13.26
N ASN A 54 -4.28 -16.24 -14.12
CA ASN A 54 -3.94 -16.33 -15.57
C ASN A 54 -2.56 -15.78 -15.91
N ILE A 55 -1.93 -15.05 -14.99
CA ILE A 55 -0.69 -14.37 -15.30
C ILE A 55 0.49 -15.26 -15.00
N PRO A 56 1.33 -15.54 -16.01
CA PRO A 56 2.54 -16.35 -15.77
C PRO A 56 3.36 -15.87 -14.57
N ASN A 57 3.73 -16.85 -13.72
CA ASN A 57 4.57 -16.59 -12.55
C ASN A 57 3.96 -15.76 -11.42
N PHE A 58 2.71 -15.35 -11.56
CA PHE A 58 2.09 -14.63 -10.42
C PHE A 58 1.88 -15.56 -9.24
N PRO A 59 1.96 -15.04 -8.02
CA PRO A 59 1.83 -15.87 -6.84
C PRO A 59 0.45 -16.55 -6.69
N LYS A 60 0.43 -17.80 -6.21
CA LYS A 60 -0.83 -18.52 -5.96
C LYS A 60 -1.52 -17.90 -4.71
N THR A 61 -2.76 -17.39 -4.86
CA THR A 61 -3.54 -16.86 -3.71
C THR A 61 -4.81 -17.67 -3.34
N THR A 62 -4.93 -18.87 -3.89
CA THR A 62 -6.12 -19.65 -3.57
C THR A 62 -6.15 -20.23 -2.16
N VAL A 63 -5.03 -20.33 -1.45
CA VAL A 63 -5.17 -20.76 -0.06
C VAL A 63 -5.93 -19.70 0.76
N ALA A 64 -5.54 -18.43 0.62
CA ALA A 64 -6.27 -17.31 1.25
C ALA A 64 -7.64 -17.07 0.55
N GLY A 65 -7.68 -17.34 -0.74
CA GLY A 65 -8.89 -17.09 -1.50
C GLY A 65 -9.21 -15.60 -1.61
N HIS A 66 -10.48 -15.29 -1.88
CA HIS A 66 -10.93 -13.93 -2.18
C HIS A 66 -10.34 -13.40 -3.48
N VAL A 67 -10.79 -12.23 -3.88
CA VAL A 67 -10.54 -11.76 -5.24
C VAL A 67 -9.03 -11.59 -5.48
N GLY A 68 -8.58 -11.88 -6.71
CA GLY A 68 -7.21 -11.53 -7.09
C GLY A 68 -7.18 -11.21 -8.58
N ASN A 69 -7.32 -9.92 -8.92
CA ASN A 69 -7.28 -9.44 -10.30
C ASN A 69 -6.34 -8.26 -10.40
N LEU A 70 -5.66 -8.15 -11.55
CA LEU A 70 -5.05 -6.87 -11.93
C LEU A 70 -6.09 -6.15 -12.76
N VAL A 71 -6.30 -4.89 -12.48
CA VAL A 71 -7.27 -4.15 -13.26
C VAL A 71 -6.52 -2.97 -13.88
N LEU A 72 -6.57 -2.90 -15.21
CA LEU A 72 -5.93 -1.79 -15.92
C LEU A 72 -6.95 -0.93 -16.66
N GLY A 73 -6.66 0.36 -16.74
CA GLY A 73 -7.54 1.23 -17.51
C GLY A 73 -7.23 2.67 -17.21
N SER A 74 -8.24 3.54 -17.32
CA SER A 74 -8.03 4.99 -17.12
C SER A 74 -8.77 5.49 -15.92
N VAL A 75 -8.11 6.36 -15.18
CA VAL A 75 -8.76 7.12 -14.12
C VAL A 75 -8.19 8.52 -14.15
N GLY A 76 -9.08 9.49 -14.12
CA GLY A 76 -8.63 10.86 -13.99
C GLY A 76 -7.72 11.24 -15.13
N GLY A 77 -8.01 10.69 -16.31
CA GLY A 77 -7.24 10.95 -17.51
C GLY A 77 -5.87 10.30 -17.61
N ARG A 78 -5.58 9.36 -16.69
CA ARG A 78 -4.29 8.70 -16.66
C ARG A 78 -4.41 7.20 -16.76
N LYS A 79 -3.38 6.54 -17.27
CA LYS A 79 -3.39 5.08 -17.40
C LYS A 79 -2.86 4.46 -16.10
N ILE A 80 -3.65 3.58 -15.51
CA ILE A 80 -3.24 2.99 -14.24
C ILE A 80 -3.38 1.44 -14.23
N VAL A 81 -2.69 0.82 -13.29
CA VAL A 81 -2.86 -0.59 -12.99
C VAL A 81 -3.09 -0.73 -11.51
N ALA A 82 -4.12 -1.50 -11.15
CA ALA A 82 -4.50 -1.68 -9.75
C ALA A 82 -4.49 -3.16 -9.34
N MET A 83 -4.01 -3.43 -8.13
CA MET A 83 -4.12 -4.77 -7.52
C MET A 83 -5.43 -4.88 -6.78
N GLN A 84 -6.31 -5.71 -7.31
CA GLN A 84 -7.56 -5.95 -6.65
C GLN A 84 -7.36 -7.25 -5.88
N GLY A 85 -7.00 -7.15 -4.61
CA GLY A 85 -6.58 -8.32 -3.87
C GLY A 85 -5.11 -8.13 -3.55
N ARG A 86 -4.85 -7.88 -2.29
CA ARG A 86 -3.52 -7.50 -1.82
C ARG A 86 -2.86 -8.71 -1.19
N LEU A 87 -1.54 -8.79 -1.19
CA LEU A 87 -0.80 -9.92 -0.62
C LEU A 87 -0.16 -9.40 0.66
N HIS A 88 -0.52 -9.99 1.77
CA HIS A 88 0.02 -9.59 3.07
C HIS A 88 0.94 -10.65 3.62
N MET A 89 2.01 -10.20 4.28
CA MET A 89 3.00 -11.20 4.72
C MET A 89 2.49 -12.02 5.92
N TYR A 90 1.49 -11.53 6.66
CA TYR A 90 0.95 -12.41 7.72
C TYR A 90 0.25 -13.62 7.13
N GLU A 91 -0.05 -13.62 5.83
CA GLU A 91 -0.67 -14.83 5.21
C GLU A 91 0.36 -15.94 4.98
N GLY A 92 1.64 -15.60 5.09
CA GLY A 92 2.71 -16.57 4.88
C GLY A 92 3.36 -16.50 3.51
N TYR A 93 2.98 -15.50 2.69
CA TYR A 93 3.67 -15.33 1.40
C TYR A 93 5.13 -15.06 1.58
N SER A 94 5.90 -15.60 0.64
CA SER A 94 7.37 -15.43 0.68
C SER A 94 7.75 -14.06 0.16
N ASN A 95 8.98 -13.66 0.49
CA ASN A 95 9.54 -12.42 -0.09
C ASN A 95 9.40 -12.39 -1.62
N GLN A 96 9.62 -13.54 -2.27
CA GLN A 96 9.52 -13.55 -3.74
C GLN A 96 8.11 -13.32 -4.20
N GLU A 97 7.15 -13.83 -3.47
CA GLU A 97 5.77 -13.59 -3.88
C GLU A 97 5.33 -12.16 -3.71
N ILE A 98 5.74 -11.51 -2.62
CA ILE A 98 5.38 -10.12 -2.41
C ILE A 98 6.04 -9.24 -3.49
N ALA A 99 7.30 -9.51 -3.79
CA ALA A 99 8.08 -8.62 -4.64
C ALA A 99 7.61 -8.71 -6.11
N LEU A 100 7.18 -9.88 -6.53
CA LEU A 100 6.98 -10.05 -8.00
C LEU A 100 5.91 -9.08 -8.61
N PRO A 101 4.70 -8.91 -7.98
CA PRO A 101 3.72 -7.98 -8.59
C PRO A 101 4.25 -6.56 -8.71
N ILE A 102 4.99 -6.07 -7.71
CA ILE A 102 5.50 -4.68 -7.79
C ILE A 102 6.56 -4.57 -8.89
N ARG A 103 7.42 -5.59 -8.98
CA ARG A 103 8.41 -5.58 -10.06
C ARG A 103 7.75 -5.67 -11.45
N VAL A 104 6.66 -6.43 -11.55
CA VAL A 104 5.91 -6.42 -12.83
C VAL A 104 5.36 -5.01 -13.11
N MET A 105 4.84 -4.33 -12.06
CA MET A 105 4.39 -2.93 -12.25
C MET A 105 5.52 -2.08 -12.79
N LYS A 106 6.72 -2.25 -12.26
CA LYS A 106 7.86 -1.46 -12.75
C LYS A 106 8.01 -1.72 -14.24
N LEU A 107 7.99 -2.99 -14.62
CA LEU A 107 8.24 -3.32 -16.07
C LEU A 107 7.09 -2.85 -16.97
N LEU A 108 5.88 -2.71 -16.39
CA LEU A 108 4.71 -2.22 -17.14
C LEU A 108 4.84 -0.74 -17.38
N GLY A 109 5.71 -0.09 -16.59
CA GLY A 109 5.98 1.35 -16.75
C GLY A 109 5.53 2.21 -15.57
N VAL A 110 5.12 1.57 -14.47
CA VAL A 110 4.65 2.35 -13.32
C VAL A 110 5.79 3.21 -12.75
N ARG A 111 5.51 4.51 -12.56
CA ARG A 111 6.47 5.45 -12.00
C ARG A 111 6.06 5.93 -10.60
N VAL A 112 4.78 5.82 -10.29
CA VAL A 112 4.24 6.24 -8.98
C VAL A 112 3.27 5.17 -8.50
N LEU A 113 3.43 4.81 -7.24
CA LEU A 113 2.53 3.83 -6.60
C LEU A 113 1.77 4.51 -5.46
N LEU A 114 0.42 4.40 -5.51
CA LEU A 114 -0.46 4.99 -4.49
C LEU A 114 -1.00 3.84 -3.62
N ILE A 115 -0.80 3.94 -2.31
CA ILE A 115 -1.22 2.85 -1.40
C ILE A 115 -2.06 3.36 -0.25
N THR A 116 -3.14 2.64 0.09
CA THR A 116 -3.91 2.98 1.29
C THR A 116 -3.93 1.76 2.20
N ASN A 117 -4.09 1.98 3.51
CA ASN A 117 -4.27 0.86 4.42
C ASN A 117 -5.13 1.34 5.58
N LEU A 118 -5.58 0.38 6.40
CA LEU A 118 -6.29 0.71 7.65
C LEU A 118 -5.26 0.51 8.76
N ALA A 119 -5.24 1.39 9.75
CA ALA A 119 -4.16 1.27 10.78
C ALA A 119 -4.64 1.71 12.13
N GLY A 120 -3.90 1.35 13.18
CA GLY A 120 -4.27 1.79 14.53
C GLY A 120 -3.52 3.07 14.89
N GLY A 121 -4.21 4.00 15.57
CA GLY A 121 -3.56 5.21 16.04
C GLY A 121 -2.72 5.04 17.29
N ILE A 122 -1.47 5.54 17.27
CA ILE A 122 -0.62 5.44 18.45
C ILE A 122 -0.45 6.86 19.06
N ASN A 123 -0.29 7.86 18.20
CA ASN A 123 -0.44 9.24 18.68
C ASN A 123 -1.82 9.48 19.30
N ARG A 124 -1.84 10.01 20.53
CA ARG A 124 -3.04 10.17 21.32
C ARG A 124 -4.11 11.11 20.70
N LYS A 125 -3.64 11.99 19.81
CA LYS A 125 -4.49 12.94 19.11
C LYS A 125 -5.29 12.32 17.97
N LEU A 126 -4.82 11.19 17.44
CA LEU A 126 -5.45 10.58 16.26
C LEU A 126 -6.81 9.97 16.61
N LYS A 127 -7.80 10.25 15.78
CA LYS A 127 -9.14 9.78 16.01
C LYS A 127 -9.47 8.78 14.96
N SER A 128 -10.38 7.88 15.29
CA SER A 128 -10.97 7.04 14.28
C SER A 128 -11.54 7.86 13.12
N GLY A 129 -11.20 7.47 11.88
CA GLY A 129 -11.66 8.23 10.73
C GLY A 129 -10.63 9.25 10.20
N ASP A 130 -9.56 9.48 10.92
CA ASP A 130 -8.51 10.41 10.44
C ASP A 130 -7.66 9.76 9.35
N PHE A 131 -7.01 10.60 8.52
CA PHE A 131 -6.06 10.10 7.51
C PHE A 131 -4.64 10.47 7.97
N VAL A 132 -3.68 9.57 7.78
CA VAL A 132 -2.28 9.91 8.04
C VAL A 132 -1.45 9.69 6.80
N LEU A 133 -0.80 10.77 6.34
CA LEU A 133 0.16 10.71 5.25
C LEU A 133 1.39 10.06 5.86
N ILE A 134 1.84 8.91 5.37
CA ILE A 134 2.98 8.28 6.02
C ILE A 134 4.29 8.95 5.57
N LYS A 135 5.14 9.35 6.54
CA LYS A 135 6.38 10.06 6.15
C LYS A 135 7.62 9.23 6.51
N GLY A 136 7.42 8.05 7.10
CA GLY A 136 8.57 7.26 7.50
C GLY A 136 8.05 6.01 8.18
N HIS A 137 8.93 5.05 8.49
CA HIS A 137 8.39 3.86 9.12
C HIS A 137 9.39 3.25 10.05
N ILE A 138 8.88 2.36 10.90
CA ILE A 138 9.73 1.51 11.74
C ILE A 138 9.38 0.07 11.36
N ASN A 139 10.34 -0.58 10.71
CA ASN A 139 10.12 -1.89 10.08
C ASN A 139 10.57 -3.00 11.02
N PHE A 140 9.71 -3.44 11.95
CA PHE A 140 10.15 -4.45 12.90
C PHE A 140 10.57 -5.78 12.24
N PRO A 141 9.82 -6.24 11.22
CA PRO A 141 10.31 -7.44 10.51
C PRO A 141 11.70 -7.24 9.89
N GLY A 142 11.96 -6.06 9.38
CA GLY A 142 13.25 -5.73 8.72
C GLY A 142 14.36 -5.76 9.75
N LEU A 143 14.14 -5.13 10.88
CA LEU A 143 15.18 -5.18 11.90
C LEU A 143 15.44 -6.63 12.30
N GLY A 144 14.36 -7.45 12.28
CA GLY A 144 14.48 -8.84 12.77
C GLY A 144 14.82 -9.96 11.77
N LEU A 145 15.42 -9.62 10.63
CA LEU A 145 15.85 -10.58 9.61
C LEU A 145 14.71 -11.15 8.77
N ASN A 146 13.56 -10.49 8.84
CA ASN A 146 12.44 -10.79 7.90
C ASN A 146 12.15 -9.65 6.89
N ASN A 147 13.15 -8.84 6.58
CA ASN A 147 12.95 -7.79 5.54
C ASN A 147 12.55 -8.49 4.23
N VAL A 148 11.63 -7.84 3.51
CA VAL A 148 11.15 -8.39 2.23
C VAL A 148 12.30 -8.56 1.20
N LEU A 149 13.43 -7.86 1.42
CA LEU A 149 14.58 -7.99 0.49
C LEU A 149 15.61 -9.07 0.95
N VAL A 150 15.41 -9.72 2.08
CA VAL A 150 16.35 -10.78 2.43
C VAL A 150 16.36 -11.86 1.32
N GLY A 151 17.57 -12.30 0.94
CA GLY A 151 17.75 -13.28 -0.12
C GLY A 151 18.73 -12.68 -1.12
N PRO A 152 19.01 -13.40 -2.20
CA PRO A 152 19.92 -12.85 -3.21
C PRO A 152 19.33 -11.57 -3.77
N ASN A 153 20.18 -10.58 -4.01
CA ASN A 153 19.64 -9.37 -4.63
C ASN A 153 19.38 -9.60 -6.11
N GLN A 154 18.30 -9.04 -6.60
CA GLN A 154 18.06 -9.07 -8.04
C GLN A 154 18.59 -7.75 -8.63
N ASP A 155 19.83 -7.79 -9.14
CA ASP A 155 20.53 -6.59 -9.51
C ASP A 155 19.84 -5.85 -10.64
N GLU A 156 19.07 -6.59 -11.45
CA GLU A 156 18.38 -5.95 -12.57
C GLU A 156 17.36 -4.93 -12.07
N PHE A 157 16.86 -5.11 -10.85
CA PHE A 157 15.87 -4.15 -10.34
C PHE A 157 16.41 -3.06 -9.43
N GLY A 158 17.48 -3.32 -8.72
CA GLY A 158 17.90 -2.30 -7.79
C GLY A 158 19.13 -2.73 -6.99
N PRO A 159 19.61 -1.87 -6.08
CA PRO A 159 20.87 -2.11 -5.37
C PRO A 159 20.76 -3.12 -4.24
N ARG A 160 21.91 -3.70 -3.84
CA ARG A 160 21.89 -4.63 -2.70
C ARG A 160 21.41 -3.96 -1.42
N PHE A 161 21.81 -2.69 -1.23
CA PHE A 161 21.57 -1.99 0.06
C PHE A 161 20.82 -0.67 -0.20
N PRO A 162 19.50 -0.74 -0.39
CA PRO A 162 18.70 0.50 -0.59
C PRO A 162 18.69 1.43 0.60
N ASP A 163 18.72 2.73 0.34
CA ASP A 163 18.48 3.70 1.37
C ASP A 163 17.00 4.10 1.30
N LEU A 164 16.36 4.23 2.45
CA LEU A 164 14.90 4.51 2.47
C LEU A 164 14.59 5.93 2.88
N SER A 165 15.56 6.84 2.81
CA SER A 165 15.36 8.23 3.23
C SER A 165 14.28 8.94 2.46
N ASN A 166 14.12 8.58 1.21
CA ASN A 166 13.08 9.22 0.40
C ASN A 166 12.05 8.23 -0.07
N ALA A 167 11.85 7.17 0.73
CA ALA A 167 10.91 6.12 0.38
C ALA A 167 9.48 6.64 0.18
N TYR A 168 9.12 7.63 0.99
CA TYR A 168 7.81 8.27 0.92
C TYR A 168 8.02 9.63 0.33
N ASP A 169 7.79 9.76 -0.98
CA ASP A 169 8.08 10.99 -1.70
C ASP A 169 7.52 12.26 -1.07
N ARG A 170 8.38 13.24 -0.81
CA ARG A 170 7.87 14.43 -0.14
C ARG A 170 6.90 15.25 -1.00
N LEU A 171 7.19 15.39 -2.29
CA LEU A 171 6.32 16.15 -3.15
C LEU A 171 4.95 15.52 -3.27
N LEU A 172 4.84 14.18 -3.27
CA LEU A 172 3.52 13.55 -3.35
C LEU A 172 2.74 13.84 -2.06
N GLN A 173 3.42 13.75 -0.91
CA GLN A 173 2.77 14.12 0.38
C GLN A 173 2.24 15.55 0.30
N GLN A 174 3.06 16.46 -0.23
CA GLN A 174 2.66 17.86 -0.28
C GLN A 174 1.46 18.01 -1.23
N LEU A 175 1.48 17.29 -2.35
CA LEU A 175 0.34 17.36 -3.27
C LEU A 175 -0.95 16.84 -2.61
N ALA A 176 -0.86 15.69 -1.90
CA ALA A 176 -2.03 15.14 -1.26
C ALA A 176 -2.61 16.13 -0.26
N LEU A 177 -1.74 16.76 0.54
CA LEU A 177 -2.21 17.74 1.54
C LEU A 177 -2.84 18.97 0.84
N LYS A 178 -2.25 19.40 -0.27
CA LYS A 178 -2.75 20.59 -0.97
C LYS A 178 -4.19 20.35 -1.41
N ILE A 179 -4.44 19.13 -1.91
CA ILE A 179 -5.76 18.79 -2.42
C ILE A 179 -6.76 18.71 -1.29
N ALA A 180 -6.35 18.16 -0.15
CA ALA A 180 -7.22 18.17 1.04
C ALA A 180 -7.55 19.60 1.50
N GLN A 181 -6.58 20.49 1.40
CA GLN A 181 -6.84 21.88 1.76
C GLN A 181 -7.84 22.53 0.80
N GLU A 182 -7.69 22.25 -0.50
CA GLU A 182 -8.55 22.86 -1.51
C GLU A 182 -9.99 22.43 -1.33
N ASN A 183 -10.19 21.27 -0.71
CA ASN A 183 -11.49 20.66 -0.55
C ASN A 183 -12.00 20.75 0.89
N ASP A 184 -11.25 21.49 1.68
CA ASP A 184 -11.58 21.78 3.08
C ASP A 184 -11.76 20.53 3.96
N PHE A 185 -10.93 19.49 3.77
CA PHE A 185 -10.95 18.41 4.76
C PHE A 185 -9.55 18.21 5.38
N GLN A 186 -8.72 19.25 5.32
CA GLN A 186 -7.37 19.10 5.87
C GLN A 186 -7.35 18.88 7.37
N ASP A 187 -8.44 19.21 8.07
CA ASP A 187 -8.56 18.96 9.49
C ASP A 187 -8.55 17.44 9.80
N LEU A 188 -8.77 16.62 8.77
CA LEU A 188 -8.68 15.15 8.93
C LEU A 188 -7.28 14.60 8.68
N VAL A 189 -6.42 15.41 8.06
CA VAL A 189 -5.15 14.89 7.51
C VAL A 189 -3.96 15.25 8.41
N HIS A 190 -3.27 14.22 8.85
CA HIS A 190 -2.08 14.27 9.72
C HIS A 190 -0.89 13.70 8.96
N GLU A 191 0.31 13.85 9.51
CA GLU A 191 1.45 13.09 8.95
C GLU A 191 2.03 12.25 10.07
N GLY A 192 2.70 11.14 9.74
CA GLY A 192 3.15 10.31 10.84
C GLY A 192 4.03 9.17 10.42
N VAL A 193 4.65 8.56 11.45
CA VAL A 193 5.54 7.41 11.26
C VAL A 193 4.72 6.14 11.46
N TYR A 194 4.85 5.20 10.54
CA TYR A 194 4.11 3.95 10.56
C TYR A 194 4.94 2.84 11.14
N ALA A 195 4.46 2.18 12.17
CA ALA A 195 5.15 0.97 12.68
C ALA A 195 4.56 -0.27 12.05
N PHE A 196 5.41 -1.09 11.44
CA PHE A 196 5.00 -2.32 10.78
C PHE A 196 5.06 -3.45 11.82
N ASN A 197 3.86 -3.87 12.24
CA ASN A 197 3.60 -5.08 13.08
C ASN A 197 3.35 -6.24 12.11
N GLY A 198 4.22 -7.23 12.05
CA GLY A 198 4.00 -8.34 11.11
C GLY A 198 2.59 -8.94 11.15
N GLY A 199 2.00 -9.01 12.34
CA GLY A 199 0.63 -9.54 12.46
C GLY A 199 0.62 -11.07 12.48
N PRO A 200 -0.57 -11.68 12.50
CA PRO A 200 -1.86 -11.03 12.30
C PRO A 200 -2.58 -10.66 13.56
N THR A 201 -2.01 -10.91 14.77
CA THR A 201 -2.71 -10.43 15.97
C THR A 201 -2.58 -8.89 15.96
N TYR A 202 -3.63 -8.18 16.38
CA TYR A 202 -3.48 -6.78 16.65
C TYR A 202 -2.42 -6.56 17.69
N GLU A 203 -1.77 -5.39 17.62
CA GLU A 203 -0.82 -4.95 18.66
C GLU A 203 -1.44 -5.18 20.05
N SER A 204 -0.69 -5.80 20.95
CA SER A 204 -1.18 -5.95 22.31
C SER A 204 -1.18 -4.57 23.00
N PRO A 205 -1.89 -4.44 24.10
CA PRO A 205 -1.89 -3.17 24.85
C PRO A 205 -0.46 -2.70 25.25
N ASP A 206 0.35 -3.64 25.72
CA ASP A 206 1.72 -3.24 26.07
C ASP A 206 2.62 -2.99 24.86
N GLU A 207 2.36 -3.67 23.74
CA GLU A 207 3.02 -3.30 22.51
C GLU A 207 2.65 -1.87 22.07
N SER A 208 1.35 -1.54 22.13
CA SER A 208 0.97 -0.14 21.78
C SER A 208 1.76 0.86 22.61
N ASN A 209 1.86 0.60 23.91
CA ASN A 209 2.53 1.50 24.87
C ASN A 209 4.01 1.62 24.49
N MET A 210 4.61 0.49 24.11
CA MET A 210 6.01 0.52 23.62
C MET A 210 6.15 1.37 22.38
N LEU A 211 5.21 1.25 21.46
CA LEU A 211 5.35 2.02 20.22
C LEU A 211 5.24 3.50 20.45
N LEU A 212 4.37 3.89 21.41
CA LEU A 212 4.25 5.30 21.80
C LEU A 212 5.59 5.80 22.30
N LYS A 213 6.25 5.01 23.13
CA LYS A 213 7.59 5.40 23.66
C LYS A 213 8.62 5.58 22.53
N LEU A 214 8.49 4.80 21.47
CA LEU A 214 9.49 4.74 20.40
C LEU A 214 9.28 5.74 19.28
N GLY A 215 8.22 6.51 19.37
CA GLY A 215 7.96 7.61 18.46
C GLY A 215 7.03 7.31 17.28
N CYS A 216 6.21 6.27 17.38
CA CYS A 216 5.36 5.89 16.26
C CYS A 216 4.07 6.63 16.38
N ASP A 217 3.48 6.94 15.22
CA ASP A 217 2.17 7.60 15.19
C ASP A 217 1.09 6.62 14.87
N VAL A 218 1.39 5.62 14.03
CA VAL A 218 0.34 4.66 13.65
C VAL A 218 0.98 3.26 13.59
N VAL A 219 0.14 2.22 13.60
CA VAL A 219 0.64 0.84 13.56
C VAL A 219 -0.25 0.02 12.64
N GLY A 220 0.39 -0.75 11.77
CA GLY A 220 -0.39 -1.69 10.99
C GLY A 220 0.39 -2.87 10.48
N MET A 221 -0.30 -3.72 9.69
CA MET A 221 0.28 -4.99 9.26
C MET A 221 0.60 -5.08 7.79
N SER A 222 0.71 -3.92 7.12
CA SER A 222 0.88 -3.96 5.66
C SER A 222 1.81 -2.87 5.21
N THR A 223 1.86 -2.69 3.88
CA THR A 223 2.40 -1.49 3.24
C THR A 223 3.90 -1.41 3.19
N VAL A 224 4.58 -1.57 4.34
CA VAL A 224 6.04 -1.42 4.34
C VAL A 224 6.75 -2.38 3.36
N PRO A 225 6.31 -3.66 3.24
CA PRO A 225 7.01 -4.50 2.22
C PRO A 225 6.87 -3.97 0.81
N GLU A 226 5.67 -3.52 0.44
CA GLU A 226 5.53 -2.99 -0.92
C GLU A 226 6.34 -1.71 -1.11
N VAL A 227 6.36 -0.84 -0.10
CA VAL A 227 7.13 0.39 -0.16
C VAL A 227 8.61 0.06 -0.42
N ILE A 228 9.12 -0.94 0.29
CA ILE A 228 10.55 -1.28 0.15
C ILE A 228 10.83 -1.85 -1.24
N ILE A 229 9.97 -2.70 -1.75
CA ILE A 229 10.22 -3.26 -3.09
C ILE A 229 10.12 -2.12 -4.13
N ALA A 230 9.14 -1.24 -3.96
CA ALA A 230 9.01 -0.08 -4.89
C ALA A 230 10.21 0.85 -4.82
N CYS A 231 10.67 1.12 -3.61
CA CYS A 231 11.83 2.01 -3.44
C CYS A 231 13.05 1.38 -4.09
N HIS A 232 13.20 0.06 -3.88
CA HIS A 232 14.35 -0.70 -4.45
C HIS A 232 14.43 -0.55 -5.99
N CYS A 233 13.26 -0.58 -6.62
CA CYS A 233 13.26 -0.47 -8.10
C CYS A 233 12.91 0.91 -8.66
N GLY A 234 12.95 1.93 -7.80
CA GLY A 234 12.83 3.34 -8.26
C GLY A 234 11.42 3.86 -8.51
N ILE A 235 10.42 3.26 -7.86
CA ILE A 235 9.05 3.73 -8.02
C ILE A 235 8.72 4.66 -6.83
N LYS A 236 8.17 5.84 -7.10
CA LYS A 236 7.83 6.80 -6.06
C LYS A 236 6.57 6.33 -5.35
N VAL A 237 6.48 6.59 -4.04
CA VAL A 237 5.32 6.08 -3.29
C VAL A 237 4.59 7.15 -2.52
N LEU A 238 3.25 7.10 -2.54
CA LEU A 238 2.43 7.86 -1.57
C LEU A 238 1.64 6.82 -0.80
N ALA A 239 1.68 6.85 0.52
CA ALA A 239 0.99 5.84 1.31
C ALA A 239 0.17 6.60 2.39
N VAL A 240 -1.10 6.23 2.51
CA VAL A 240 -2.02 6.98 3.38
C VAL A 240 -2.71 5.94 4.27
N SER A 241 -2.62 6.11 5.57
CA SER A 241 -3.32 5.23 6.52
C SER A 241 -4.67 5.86 6.91
N LEU A 242 -5.74 5.06 6.92
CA LEU A 242 -7.00 5.44 7.53
C LEU A 242 -7.00 4.88 8.95
N ILE A 243 -7.22 5.75 9.93
CA ILE A 243 -7.17 5.36 11.35
C ILE A 243 -8.46 4.66 11.72
N ALA A 244 -8.36 3.39 12.09
CA ALA A 244 -9.56 2.65 12.45
C ALA A 244 -9.94 2.80 13.95
N ASN A 245 -8.95 3.08 14.78
CA ASN A 245 -9.11 3.15 16.26
C ASN A 245 -7.90 3.79 16.82
N ASN A 246 -8.01 4.29 18.04
CA ASN A 246 -6.82 4.73 18.71
C ASN A 246 -6.34 3.64 19.67
N SER A 247 -5.27 2.94 19.27
CA SER A 247 -4.80 1.78 20.03
C SER A 247 -4.23 2.16 21.38
N ILE A 248 -3.69 3.38 21.48
CA ILE A 248 -3.10 3.77 22.78
C ILE A 248 -4.20 4.07 23.78
N LEU A 249 -5.25 4.75 23.31
CA LEU A 249 -6.38 4.97 24.22
C LEU A 249 -7.08 3.66 24.54
N ASP A 250 -7.23 2.77 23.56
CA ASP A 250 -7.84 1.46 23.83
C ASP A 250 -7.02 0.72 24.89
N ALA A 251 -5.69 0.80 24.77
CA ALA A 251 -4.85 0.12 25.78
C ALA A 251 -5.07 0.70 27.15
N GLU A 252 -5.15 2.02 27.21
CA GLU A 252 -5.28 2.70 28.50
C GLU A 252 -6.67 2.47 29.13
N ASN A 253 -7.66 2.17 28.29
CA ASN A 253 -9.05 1.97 28.74
C ASN A 253 -9.54 0.51 28.71
N ASP A 254 -8.66 -0.46 28.45
CA ASP A 254 -9.07 -1.87 28.35
C ASP A 254 -10.17 -2.17 27.33
N VAL A 255 -10.06 -1.58 26.16
CA VAL A 255 -11.02 -1.77 25.08
C VAL A 255 -10.39 -2.60 23.98
N SER A 256 -11.17 -3.55 23.44
CA SER A 256 -10.71 -4.38 22.32
C SER A 256 -10.92 -3.76 20.93
N ILE A 257 -10.13 -4.22 19.98
CA ILE A 257 -10.25 -3.89 18.57
C ILE A 257 -10.87 -5.11 17.93
N ASN A 258 -11.66 -4.95 16.87
CA ASN A 258 -12.03 -6.10 16.05
C ASN A 258 -12.15 -5.73 14.58
N HIS A 259 -12.00 -6.71 13.71
CA HIS A 259 -11.97 -6.41 12.29
C HIS A 259 -13.31 -5.76 11.81
N GLU A 260 -14.41 -6.09 12.48
CA GLU A 260 -15.69 -5.54 12.06
C GLU A 260 -15.74 -4.07 12.29
N LYS A 261 -15.32 -3.62 13.47
CA LYS A 261 -15.28 -2.17 13.74
C LYS A 261 -14.37 -1.49 12.74
N VAL A 262 -13.27 -2.15 12.42
CA VAL A 262 -12.34 -1.63 11.45
C VAL A 262 -12.99 -1.43 10.08
N LEU A 263 -13.69 -2.45 9.56
CA LEU A 263 -14.33 -2.32 8.25
C LEU A 263 -15.44 -1.26 8.26
N ALA A 264 -16.04 -1.02 9.43
CA ALA A 264 -17.07 0.02 9.51
C ALA A 264 -16.45 1.43 9.30
N VAL A 265 -15.23 1.63 9.78
CA VAL A 265 -14.57 2.93 9.56
C VAL A 265 -14.19 3.07 8.06
N ALA A 266 -13.77 1.99 7.42
CA ALA A 266 -13.48 2.07 6.00
C ALA A 266 -14.70 2.47 5.20
N GLU A 267 -15.86 1.93 5.56
CA GLU A 267 -17.09 2.29 4.87
C GLU A 267 -17.39 3.78 5.03
N LYS A 268 -17.08 4.32 6.21
CA LYS A 268 -17.33 5.75 6.51
C LYS A 268 -16.50 6.70 5.67
N ARG A 269 -15.27 6.30 5.37
CA ARG A 269 -14.35 7.19 4.64
C ARG A 269 -14.03 6.77 3.21
N ALA A 270 -14.57 5.64 2.74
CA ALA A 270 -14.16 5.10 1.44
C ALA A 270 -14.43 6.08 0.25
N ASP A 271 -15.54 6.77 0.30
CA ASP A 271 -15.93 7.60 -0.81
C ASP A 271 -15.07 8.85 -0.86
N LEU A 272 -14.79 9.43 0.29
CA LEU A 272 -13.92 10.61 0.37
C LEU A 272 -12.52 10.21 -0.10
N LEU A 273 -12.05 9.05 0.36
CA LEU A 273 -10.73 8.65 -0.01
C LEU A 273 -10.64 8.42 -1.52
N GLN A 274 -11.69 7.88 -2.09
CA GLN A 274 -11.73 7.66 -3.53
C GLN A 274 -11.67 9.00 -4.29
N MET A 275 -12.49 9.95 -3.85
CA MET A 275 -12.49 11.26 -4.49
C MET A 275 -11.11 11.94 -4.40
N TRP A 276 -10.50 11.86 -3.21
CA TRP A 276 -9.15 12.39 -2.97
C TRP A 276 -8.09 11.79 -3.90
N PHE A 277 -8.09 10.45 -4.00
CA PHE A 277 -7.07 9.82 -4.81
C PHE A 277 -7.28 10.04 -6.29
N LYS A 278 -8.56 10.12 -6.72
CA LYS A 278 -8.85 10.41 -8.11
C LYS A 278 -8.29 11.79 -8.44
N GLU A 279 -8.47 12.76 -7.54
CA GLU A 279 -7.96 14.11 -7.82
C GLU A 279 -6.42 14.12 -7.78
N ILE A 280 -5.79 13.37 -6.87
CA ILE A 280 -4.34 13.26 -6.87
C ILE A 280 -3.83 12.75 -8.22
N ILE A 281 -4.47 11.71 -8.75
CA ILE A 281 -4.05 11.12 -10.02
C ILE A 281 -4.11 12.17 -11.12
N THR A 282 -5.18 12.97 -11.15
CA THR A 282 -5.35 13.97 -12.21
C THR A 282 -4.32 15.07 -12.13
N ARG A 283 -3.79 15.27 -10.93
CA ARG A 283 -2.85 16.37 -10.67
C ARG A 283 -1.38 15.96 -10.67
N LEU A 284 -1.10 14.65 -10.75
CA LEU A 284 0.27 14.13 -10.88
C LEU A 284 0.99 14.67 -12.12
N PRO A 285 2.30 14.89 -12.02
CA PRO A 285 3.18 15.24 -13.16
C PRO A 285 2.89 14.35 -14.36
N LEU A 286 2.93 14.87 -15.57
CA LEU A 286 2.85 14.01 -16.74
C LEU A 286 4.12 13.16 -16.89
N ASP A 287 5.16 13.56 -16.18
CA ASP A 287 6.45 12.85 -16.17
C ASP A 287 6.52 11.84 -15.05
O1 MES B . -7.15 -5.14 10.35
C2 MES B . -5.97 -5.96 10.15
C3 MES B . -5.37 -5.93 8.74
N4 MES B . -5.16 -4.54 8.39
C5 MES B . -6.33 -3.70 8.56
C6 MES B . -6.83 -3.80 9.99
C7 MES B . -4.28 -4.26 7.24
C8 MES B . -5.18 -4.43 6.03
S MES B . -5.03 -3.24 4.86
O1S MES B . -3.60 -2.92 4.68
O2S MES B . -5.56 -4.03 3.70
O3S MES B . -5.91 -2.13 5.23
#